data_8IVF
#
_entry.id   8IVF
#
_cell.length_a   34.700
_cell.length_b   54.110
_cell.length_c   67.240
_cell.angle_alpha   90.00
_cell.angle_beta   92.34
_cell.angle_gamma   90.00
#
_symmetry.space_group_name_H-M   'P 1 21 1'
#
loop_
_entity.id
_entity.type
_entity.pdbx_description
1 polymer 'Fatty acid-binding protein, brain'
2 non-polymer 25-HYDROXYCHOLESTEROL
3 water water
#
_entity_poly.entity_id   1
_entity_poly.type   'polypeptide(L)'
_entity_poly.pdbx_seq_one_letter_code
;MVEAFCATWKLTNSQNFDEYMKALGVGFATRQVGNVTKPTVIISQEGDKVVIRTLSTFKNTEISFQLGEEFDETTADDRN
CKSVVSLDGDKLVHIQKWDGKETNFVREIKDGKMVMTLTFGDVVAVRHYEKA
;
_entity_poly.pdbx_strand_id   B,A
#
# COMPACT_ATOMS: atom_id res chain seq x y z
N MET A 1 5.21 -17.23 18.59
CA MET A 1 6.02 -16.20 17.95
C MET A 1 5.25 -15.55 16.81
N VAL A 2 5.98 -14.84 15.94
CA VAL A 2 5.36 -14.23 14.76
C VAL A 2 4.87 -15.31 13.79
N GLU A 3 5.54 -16.47 13.76
CA GLU A 3 5.21 -17.49 12.78
C GLU A 3 3.80 -18.02 12.96
N ALA A 4 3.30 -18.07 14.19
CA ALA A 4 1.93 -18.53 14.43
C ALA A 4 0.90 -17.71 13.68
N PHE A 5 1.23 -16.45 13.34
CA PHE A 5 0.31 -15.57 12.63
C PHE A 5 0.49 -15.62 11.12
N CYS A 6 1.57 -16.23 10.63
CA CYS A 6 1.93 -16.19 9.21
C CYS A 6 1.03 -17.14 8.43
N ALA A 7 -0.07 -16.59 7.92
CA ALA A 7 -1.07 -17.37 7.19
C ALA A 7 -2.03 -16.37 6.54
N THR A 8 -2.98 -16.90 5.78
CA THR A 8 -4.07 -16.11 5.22
C THR A 8 -5.30 -16.28 6.09
N TRP A 9 -5.84 -15.18 6.59
CA TRP A 9 -6.97 -15.21 7.50
C TRP A 9 -8.17 -14.54 6.85
N LYS A 10 -9.37 -15.04 7.17
CA LYS A 10 -10.63 -14.49 6.67
C LYS A 10 -11.53 -14.20 7.86
N LEU A 11 -12.04 -12.97 7.93
CA LEU A 11 -12.92 -12.59 9.02
C LEU A 11 -14.20 -13.41 8.98
N THR A 12 -14.61 -13.92 10.13
CA THR A 12 -15.84 -14.69 10.24
C THR A 12 -16.88 -14.06 11.15
N ASN A 13 -16.46 -13.43 12.24
CA ASN A 13 -17.40 -12.85 13.21
C ASN A 13 -16.77 -11.63 13.87
N SER A 14 -17.58 -10.58 14.03
N SER A 14 -17.59 -10.59 14.09
CA SER A 14 -17.14 -9.35 14.67
CA SER A 14 -17.14 -9.34 14.66
C SER A 14 -18.12 -9.01 15.79
C SER A 14 -18.11 -8.92 15.76
N GLN A 15 -17.59 -8.71 16.97
CA GLN A 15 -18.38 -8.39 18.14
C GLN A 15 -18.10 -6.95 18.55
N ASN A 16 -19.17 -6.15 18.66
CA ASN A 16 -19.13 -4.77 19.13
C ASN A 16 -18.32 -3.85 18.23
N PHE A 17 -18.18 -4.19 16.95
CA PHE A 17 -17.31 -3.41 16.07
C PHE A 17 -17.92 -2.06 15.74
N ASP A 18 -19.25 -2.00 15.57
CA ASP A 18 -19.89 -0.73 15.21
C ASP A 18 -19.73 0.29 16.33
N GLU A 19 -19.96 -0.12 17.58
CA GLU A 19 -19.78 0.77 18.72
C GLU A 19 -18.32 1.22 18.85
N TYR A 20 -17.38 0.33 18.52
CA TYR A 20 -15.97 0.72 18.56
C TYR A 20 -15.65 1.77 17.51
N MET A 21 -16.21 1.60 16.31
CA MET A 21 -15.95 2.56 15.23
C MET A 21 -16.49 3.94 15.58
N LYS A 22 -17.69 3.99 16.17
CA LYS A 22 -18.26 5.25 16.63
C LYS A 22 -17.35 5.92 17.65
N ALA A 23 -16.97 5.18 18.69
CA ALA A 23 -16.07 5.72 19.71
C ALA A 23 -14.77 6.23 19.07
N LEU A 24 -14.28 5.51 18.07
CA LEU A 24 -13.07 5.93 17.37
C LEU A 24 -13.28 7.19 16.54
N GLY A 25 -14.53 7.58 16.28
CA GLY A 25 -14.80 8.72 15.43
C GLY A 25 -14.87 8.40 13.96
N VAL A 26 -15.10 7.14 13.59
CA VAL A 26 -15.22 6.78 12.19
C VAL A 26 -16.51 7.35 11.62
N GLY A 27 -16.41 7.98 10.46
CA GLY A 27 -17.58 8.54 9.81
C GLY A 27 -18.61 7.48 9.48
N PHE A 28 -19.86 7.93 9.32
CA PHE A 28 -20.96 7.00 9.10
C PHE A 28 -20.76 6.17 7.84
N ALA A 29 -20.39 6.83 6.73
CA ALA A 29 -20.27 6.13 5.46
C ALA A 29 -19.24 5.00 5.55
N THR A 30 -18.12 5.25 6.21
CA THR A 30 -17.11 4.21 6.36
C THR A 30 -17.56 3.14 7.35
N ARG A 31 -18.28 3.54 8.42
CA ARG A 31 -18.84 2.56 9.34
C ARG A 31 -19.80 1.62 8.62
N GLN A 32 -20.62 2.17 7.73
CA GLN A 32 -21.65 1.36 7.10
C GLN A 32 -21.06 0.20 6.32
N VAL A 33 -19.98 0.45 5.58
CA VAL A 33 -19.29 -0.64 4.87
C VAL A 33 -18.42 -1.45 5.82
N GLY A 34 -18.00 -0.87 6.95
CA GLY A 34 -17.21 -1.62 7.90
C GLY A 34 -17.96 -2.77 8.56
N ASN A 35 -19.28 -2.65 8.66
CA ASN A 35 -20.11 -3.67 9.30
C ASN A 35 -20.52 -4.78 8.34
N VAL A 36 -20.16 -4.69 7.07
CA VAL A 36 -20.56 -5.65 6.06
C VAL A 36 -19.37 -6.44 5.53
N THR A 37 -18.27 -5.76 5.20
CA THR A 37 -17.15 -6.41 4.54
C THR A 37 -16.45 -7.39 5.50
N LYS A 38 -16.12 -8.57 4.97
CA LYS A 38 -15.39 -9.61 5.68
C LYS A 38 -13.98 -9.67 5.09
N PRO A 39 -13.05 -8.87 5.58
CA PRO A 39 -11.75 -8.75 4.91
C PRO A 39 -10.92 -10.02 5.00
N THR A 40 -9.97 -10.13 4.07
CA THR A 40 -8.95 -11.17 4.10
C THR A 40 -7.63 -10.53 4.53
N VAL A 41 -7.01 -11.09 5.57
CA VAL A 41 -5.78 -10.55 6.12
C VAL A 41 -4.66 -11.56 5.94
N ILE A 42 -3.57 -11.13 5.31
CA ILE A 42 -2.42 -11.99 5.03
C ILE A 42 -1.25 -11.45 5.85
N ILE A 43 -0.73 -12.27 6.76
CA ILE A 43 0.38 -11.88 7.60
C ILE A 43 1.60 -12.68 7.17
N SER A 44 2.73 -12.00 7.01
CA SER A 44 3.98 -12.65 6.65
C SER A 44 5.13 -12.01 7.39
N GLN A 45 6.23 -12.77 7.43
CA GLN A 45 7.45 -12.38 8.14
C GLN A 45 8.46 -12.31 7.00
N GLU A 46 8.84 -11.12 6.55
CA GLU A 46 9.69 -11.06 5.36
C GLU A 46 10.99 -10.33 5.68
N GLY A 47 12.09 -11.08 5.68
CA GLY A 47 13.39 -10.56 6.05
C GLY A 47 13.46 -10.21 7.51
N ASP A 48 13.75 -8.95 7.80
CA ASP A 48 13.68 -8.43 9.15
C ASP A 48 12.39 -7.66 9.41
N LYS A 49 11.38 -7.82 8.55
CA LYS A 49 10.14 -7.07 8.63
C LYS A 49 8.95 -8.01 8.65
N VAL A 50 7.83 -7.48 9.13
CA VAL A 50 6.54 -8.18 9.13
C VAL A 50 5.62 -7.41 8.20
N VAL A 51 4.84 -8.15 7.40
CA VAL A 51 3.97 -7.56 6.40
C VAL A 51 2.54 -7.99 6.69
N ILE A 52 1.62 -7.03 6.70
CA ILE A 52 0.19 -7.29 6.88
C ILE A 52 -0.54 -6.68 5.69
N ARG A 53 -1.09 -7.54 4.84
N ARG A 53 -1.13 -7.54 4.86
CA ARG A 53 -1.92 -7.13 3.72
CA ARG A 53 -1.92 -7.11 3.71
C ARG A 53 -3.38 -7.40 4.04
C ARG A 53 -3.38 -7.42 3.96
N THR A 54 -4.25 -6.46 3.68
CA THR A 54 -5.69 -6.59 3.91
C THR A 54 -6.45 -6.38 2.61
N LEU A 55 -7.28 -7.34 2.25
CA LEU A 55 -8.09 -7.29 1.04
C LEU A 55 -9.58 -7.25 1.43
N SER A 56 -10.29 -6.26 0.91
CA SER A 56 -11.72 -6.15 1.17
C SER A 56 -12.39 -5.40 0.02
N THR A 57 -13.73 -5.42 0.03
CA THR A 57 -14.48 -4.65 -0.95
C THR A 57 -14.45 -3.15 -0.68
N PHE A 58 -14.03 -2.73 0.52
CA PHE A 58 -13.93 -1.31 0.83
C PHE A 58 -12.62 -0.74 0.29
N LYS A 59 -11.48 -1.23 0.78
CA LYS A 59 -10.20 -0.87 0.20
C LYS A 59 -9.17 -1.91 0.63
N ASN A 60 -8.00 -1.83 0.01
CA ASN A 60 -6.88 -2.72 0.29
C ASN A 60 -5.75 -1.93 0.94
N THR A 61 -5.22 -2.44 2.04
CA THR A 61 -4.12 -1.79 2.73
C THR A 61 -2.95 -2.74 2.82
N GLU A 62 -1.77 -2.17 3.06
CA GLU A 62 -0.56 -2.95 3.24
C GLU A 62 0.41 -2.14 4.08
N ILE A 63 0.97 -2.77 5.11
CA ILE A 63 2.00 -2.15 5.94
C ILE A 63 3.14 -3.12 6.11
N SER A 64 4.34 -2.56 6.27
CA SER A 64 5.55 -3.33 6.51
C SER A 64 6.29 -2.70 7.67
N PHE A 65 6.78 -3.50 8.60
CA PHE A 65 7.36 -2.94 9.81
C PHE A 65 8.29 -3.94 10.47
N GLN A 66 9.26 -3.42 11.21
CA GLN A 66 10.02 -4.21 12.16
C GLN A 66 9.40 -4.06 13.54
N LEU A 67 9.45 -5.12 14.32
CA LEU A 67 8.82 -5.10 15.64
C LEU A 67 9.51 -4.08 16.54
N GLY A 68 8.70 -3.31 17.27
CA GLY A 68 9.18 -2.30 18.17
C GLY A 68 9.59 -0.99 17.53
N GLU A 69 9.62 -0.90 16.20
CA GLU A 69 10.09 0.29 15.50
C GLU A 69 8.90 1.10 15.01
N GLU A 70 8.81 2.36 15.45
CA GLU A 70 7.68 3.20 15.09
C GLU A 70 7.69 3.51 13.60
N PHE A 71 6.51 3.53 13.00
CA PHE A 71 6.36 3.78 11.57
C PHE A 71 5.09 4.57 11.30
N ASP A 72 5.09 5.27 10.17
CA ASP A 72 3.91 6.01 9.75
C ASP A 72 2.89 5.03 9.17
N GLU A 73 1.64 5.20 9.58
CA GLU A 73 0.55 4.37 9.07
C GLU A 73 -0.61 5.27 8.72
N THR A 74 -1.19 5.07 7.53
CA THR A 74 -2.46 5.67 7.15
C THR A 74 -3.50 4.56 7.19
N THR A 75 -4.34 4.58 8.22
CA THR A 75 -5.29 3.50 8.45
C THR A 75 -6.39 3.53 7.39
N ALA A 76 -7.14 2.42 7.33
CA ALA A 76 -8.20 2.30 6.33
C ALA A 76 -9.26 3.37 6.49
N ASP A 77 -9.44 3.90 7.70
CA ASP A 77 -10.37 5.00 7.94
C ASP A 77 -9.67 6.34 7.98
N ASP A 78 -8.54 6.47 7.29
CA ASP A 78 -7.92 7.75 6.97
C ASP A 78 -7.36 8.46 8.20
N ARG A 79 -6.91 7.71 9.20
CA ARG A 79 -6.15 8.28 10.29
C ARG A 79 -4.66 8.18 9.98
N ASN A 80 -3.97 9.31 10.06
CA ASN A 80 -2.51 9.35 9.90
C ASN A 80 -1.89 9.12 11.27
N CYS A 81 -1.30 7.94 11.46
CA CYS A 81 -0.88 7.49 12.78
C CYS A 81 0.62 7.28 12.87
N LYS A 82 1.13 7.41 14.09
CA LYS A 82 2.43 6.87 14.47
C LYS A 82 2.17 5.53 15.14
N SER A 83 2.57 4.44 14.47
CA SER A 83 2.22 3.10 14.92
C SER A 83 3.46 2.31 15.31
N VAL A 84 3.26 1.36 16.21
CA VAL A 84 4.29 0.42 16.62
C VAL A 84 3.63 -0.93 16.90
N VAL A 85 4.18 -1.99 16.31
CA VAL A 85 3.67 -3.34 16.47
C VAL A 85 4.76 -4.18 17.10
N SER A 86 4.46 -4.84 18.21
N SER A 86 4.45 -4.85 18.21
CA SER A 86 5.46 -5.59 18.95
CA SER A 86 5.46 -5.60 18.96
C SER A 86 4.88 -6.91 19.43
C SER A 86 4.87 -6.92 19.44
N LEU A 87 5.77 -7.79 19.90
CA LEU A 87 5.38 -9.06 20.49
C LEU A 87 5.14 -8.88 21.98
N ASP A 88 3.99 -9.36 22.44
CA ASP A 88 3.61 -9.32 23.85
C ASP A 88 3.36 -10.77 24.27
N GLY A 89 4.41 -11.44 24.71
CA GLY A 89 4.31 -12.87 24.90
C GLY A 89 4.12 -13.52 23.54
N ASP A 90 3.05 -14.33 23.43
CA ASP A 90 2.70 -14.96 22.17
C ASP A 90 1.69 -14.14 21.36
N LYS A 91 1.52 -12.86 21.69
CA LYS A 91 0.53 -12.01 21.03
C LYS A 91 1.22 -10.84 20.32
N LEU A 92 0.53 -10.28 19.33
CA LEU A 92 0.99 -9.12 18.59
C LEU A 92 0.18 -7.90 19.01
N VAL A 93 0.87 -6.88 19.53
CA VAL A 93 0.24 -5.65 19.98
C VAL A 93 0.52 -4.55 18.96
N HIS A 94 -0.54 -3.90 18.49
CA HIS A 94 -0.48 -2.86 17.46
C HIS A 94 -1.06 -1.58 18.06
N ILE A 95 -0.22 -0.56 18.24
CA ILE A 95 -0.61 0.70 18.84
C ILE A 95 -0.63 1.78 17.76
N GLN A 96 -1.64 2.65 17.81
CA GLN A 96 -1.80 3.72 16.84
C GLN A 96 -2.00 5.04 17.58
N LYS A 97 -1.12 6.00 17.33
CA LYS A 97 -1.20 7.32 17.94
C LYS A 97 -1.57 8.36 16.90
N TRP A 98 -2.58 9.16 17.18
CA TRP A 98 -2.98 10.23 16.28
C TRP A 98 -3.81 11.25 17.06
N ASP A 99 -3.54 12.53 16.80
CA ASP A 99 -4.32 13.64 17.35
C ASP A 99 -4.41 13.57 18.87
N GLY A 100 -3.30 13.26 19.51
CA GLY A 100 -3.29 13.12 20.96
C GLY A 100 -4.09 11.96 21.50
N LYS A 101 -4.58 11.08 20.63
CA LYS A 101 -5.34 9.90 21.01
C LYS A 101 -4.53 8.64 20.75
N GLU A 102 -5.10 7.51 21.14
CA GLU A 102 -4.45 6.23 20.95
C GLU A 102 -5.50 5.13 20.95
N THR A 103 -5.28 4.12 20.12
CA THR A 103 -6.04 2.88 20.15
C THR A 103 -5.03 1.75 19.95
N ASN A 104 -5.42 0.54 20.33
CA ASN A 104 -4.51 -0.59 20.21
C ASN A 104 -5.26 -1.85 19.81
N PHE A 105 -4.56 -2.71 19.08
CA PHE A 105 -5.08 -3.97 18.57
C PHE A 105 -4.22 -5.09 19.15
N VAL A 106 -4.86 -6.05 19.79
CA VAL A 106 -4.16 -7.23 20.31
C VAL A 106 -4.55 -8.42 19.44
N ARG A 107 -3.58 -8.97 18.72
CA ARG A 107 -3.78 -10.18 17.93
C ARG A 107 -3.30 -11.39 18.71
N GLU A 108 -4.09 -12.46 18.68
CA GLU A 108 -3.73 -13.71 19.33
C GLU A 108 -4.23 -14.88 18.50
N ILE A 109 -3.55 -16.01 18.66
CA ILE A 109 -4.01 -17.29 18.11
C ILE A 109 -4.72 -18.04 19.24
N LYS A 110 -5.99 -18.33 19.04
CA LYS A 110 -6.80 -19.03 20.04
C LYS A 110 -7.57 -20.14 19.34
N ASP A 111 -7.29 -21.38 19.73
CA ASP A 111 -8.00 -22.56 19.21
C ASP A 111 -7.94 -22.60 17.69
N GLY A 112 -6.77 -22.27 17.15
CA GLY A 112 -6.55 -22.30 15.71
C GLY A 112 -7.06 -21.10 14.94
N LYS A 113 -7.68 -20.13 15.62
CA LYS A 113 -8.21 -18.94 14.98
C LYS A 113 -7.50 -17.69 15.49
N MET A 114 -7.39 -16.68 14.63
CA MET A 114 -6.81 -15.40 15.01
C MET A 114 -7.89 -14.52 15.61
N VAL A 115 -7.71 -14.13 16.86
CA VAL A 115 -8.64 -13.27 17.57
C VAL A 115 -7.97 -11.92 17.77
N MET A 116 -8.64 -10.85 17.36
N MET A 116 -8.67 -10.85 17.40
CA MET A 116 -8.10 -9.51 17.53
CA MET A 116 -8.16 -9.49 17.47
C MET A 116 -9.04 -8.70 18.42
C MET A 116 -9.05 -8.68 18.42
N THR A 117 -8.46 -8.11 19.45
CA THR A 117 -9.18 -7.30 20.42
C THR A 117 -8.83 -5.83 20.20
N LEU A 118 -9.85 -5.02 19.95
CA LEU A 118 -9.69 -3.62 19.59
C LEU A 118 -10.22 -2.76 20.74
N THR A 119 -9.37 -1.89 21.28
CA THR A 119 -9.72 -1.10 22.45
C THR A 119 -9.56 0.38 22.16
N PHE A 120 -10.55 1.18 22.59
CA PHE A 120 -10.47 2.63 22.58
C PHE A 120 -11.19 3.11 23.83
N GLY A 121 -10.43 3.44 24.87
CA GLY A 121 -11.05 3.78 26.14
C GLY A 121 -11.71 2.57 26.75
N ASP A 122 -12.98 2.71 27.13
CA ASP A 122 -13.74 1.61 27.71
C ASP A 122 -14.68 0.97 26.68
N VAL A 123 -14.39 1.12 25.40
CA VAL A 123 -15.11 0.45 24.33
C VAL A 123 -14.18 -0.59 23.71
N VAL A 124 -14.61 -1.84 23.67
CA VAL A 124 -13.80 -2.94 23.18
C VAL A 124 -14.57 -3.66 22.09
N ALA A 125 -13.86 -4.05 21.04
CA ALA A 125 -14.40 -4.89 19.98
C ALA A 125 -13.50 -6.10 19.79
N VAL A 126 -14.11 -7.21 19.39
CA VAL A 126 -13.39 -8.46 19.18
C VAL A 126 -13.72 -8.97 17.78
N ARG A 127 -12.70 -9.26 16.99
CA ARG A 127 -12.85 -9.74 15.62
C ARG A 127 -12.18 -11.10 15.49
N HIS A 128 -12.89 -12.04 14.85
CA HIS A 128 -12.47 -13.43 14.77
C HIS A 128 -12.20 -13.79 13.31
N TYR A 129 -11.06 -14.45 13.07
CA TYR A 129 -10.64 -14.85 11.74
C TYR A 129 -10.34 -16.33 11.73
N GLU A 130 -10.77 -17.02 10.67
CA GLU A 130 -10.37 -18.40 10.45
C GLU A 130 -9.26 -18.44 9.40
N LYS A 131 -8.38 -19.42 9.56
CA LYS A 131 -7.27 -19.59 8.63
C LYS A 131 -7.76 -20.20 7.33
N ALA A 132 -7.40 -19.58 6.20
CA ALA A 132 -7.76 -20.09 4.90
C ALA A 132 -6.66 -21.00 4.35
N MET B 1 -3.59 18.43 -18.22
CA MET B 1 -2.25 18.88 -17.87
C MET B 1 -1.79 18.22 -16.58
N VAL B 2 -0.81 18.83 -15.91
CA VAL B 2 -0.27 18.24 -14.69
C VAL B 2 -1.33 18.22 -13.58
N GLU B 3 -2.24 19.20 -13.59
CA GLU B 3 -3.23 19.30 -12.51
C GLU B 3 -4.08 18.04 -12.41
N ALA B 4 -4.44 17.43 -13.54
CA ALA B 4 -5.28 16.25 -13.54
C ALA B 4 -4.64 15.08 -12.81
N PHE B 5 -3.31 15.04 -12.73
CA PHE B 5 -2.60 13.96 -12.06
C PHE B 5 -2.34 14.23 -10.59
N CYS B 6 -2.60 15.45 -10.12
CA CYS B 6 -2.19 15.86 -8.77
C CYS B 6 -3.18 15.32 -7.75
N ALA B 7 -2.84 14.17 -7.16
CA ALA B 7 -3.71 13.47 -6.23
C ALA B 7 -3.02 12.26 -5.59
N THR B 8 -3.76 11.52 -4.77
CA THR B 8 -3.27 10.28 -4.18
C THR B 8 -3.93 9.12 -4.91
N TRP B 9 -3.12 8.24 -5.49
CA TRP B 9 -3.60 7.16 -6.33
C TRP B 9 -3.29 5.81 -5.70
N LYS B 10 -4.16 4.85 -5.93
CA LYS B 10 -4.01 3.51 -5.39
C LYS B 10 -4.10 2.50 -6.53
N LEU B 11 -3.10 1.63 -6.63
CA LEU B 11 -3.13 0.60 -7.67
C LEU B 11 -4.30 -0.34 -7.43
N THR B 12 -5.08 -0.60 -8.48
CA THR B 12 -6.17 -1.55 -8.41
C THR B 12 -5.97 -2.77 -9.28
N ASN B 13 -5.46 -2.61 -10.50
CA ASN B 13 -5.28 -3.72 -11.42
C ASN B 13 -3.99 -3.55 -12.20
N SER B 14 -3.27 -4.66 -12.41
N SER B 14 -3.29 -4.66 -12.44
CA SER B 14 -2.05 -4.67 -13.19
CA SER B 14 -2.04 -4.67 -13.19
C SER B 14 -2.17 -5.73 -14.28
C SER B 14 -2.10 -5.74 -14.26
N GLN B 15 -1.68 -5.40 -15.47
CA GLN B 15 -1.75 -6.30 -16.62
C GLN B 15 -0.36 -6.52 -17.19
N ASN B 16 0.06 -7.79 -17.26
CA ASN B 16 1.33 -8.23 -17.85
C ASN B 16 2.56 -7.65 -17.15
N PHE B 17 2.40 -7.23 -15.89
CA PHE B 17 3.51 -6.59 -15.19
C PHE B 17 4.68 -7.55 -14.97
N ASP B 18 4.40 -8.85 -14.79
CA ASP B 18 5.47 -9.80 -14.51
C ASP B 18 6.42 -9.91 -15.70
N GLU B 19 5.89 -10.09 -16.92
CA GLU B 19 6.76 -10.20 -18.08
C GLU B 19 7.54 -8.92 -18.31
N TYR B 20 6.92 -7.76 -18.04
CA TYR B 20 7.64 -6.49 -18.20
C TYR B 20 8.83 -6.42 -17.28
N MET B 21 8.64 -6.82 -16.02
CA MET B 21 9.74 -6.84 -15.07
C MET B 21 10.85 -7.78 -15.55
N LYS B 22 10.48 -8.91 -16.15
CA LYS B 22 11.51 -9.83 -16.66
C LYS B 22 12.29 -9.19 -17.80
N ALA B 23 11.63 -8.43 -18.67
CA ALA B 23 12.34 -7.79 -19.77
C ALA B 23 13.33 -6.75 -19.27
N LEU B 24 12.98 -6.06 -18.17
CA LEU B 24 13.89 -5.10 -17.55
C LEU B 24 15.08 -5.76 -16.87
N GLY B 25 15.07 -7.07 -16.67
CA GLY B 25 16.12 -7.74 -15.93
C GLY B 25 15.87 -7.86 -14.45
N VAL B 26 14.63 -7.71 -14.01
CA VAL B 26 14.30 -7.82 -12.59
C VAL B 26 14.34 -9.29 -12.18
N GLY B 27 14.98 -9.56 -11.05
CA GLY B 27 15.13 -10.92 -10.57
C GLY B 27 13.84 -11.49 -10.01
N PHE B 28 13.86 -12.82 -9.82
CA PHE B 28 12.65 -13.54 -9.42
C PHE B 28 12.09 -13.02 -8.09
N ALA B 29 12.96 -12.74 -7.13
CA ALA B 29 12.52 -12.40 -5.78
C ALA B 29 11.68 -11.13 -5.77
N THR B 30 12.24 -10.03 -6.28
CA THR B 30 11.49 -8.77 -6.30
C THR B 30 10.34 -8.78 -7.30
N ARG B 31 10.34 -9.73 -8.25
CA ARG B 31 9.15 -9.90 -9.09
C ARG B 31 7.98 -10.45 -8.29
N GLN B 32 8.25 -11.35 -7.34
CA GLN B 32 7.21 -11.80 -6.43
C GLN B 32 6.55 -10.61 -5.73
N VAL B 33 7.35 -9.84 -4.99
CA VAL B 33 6.82 -8.70 -4.25
C VAL B 33 6.33 -7.61 -5.19
N GLY B 34 6.82 -7.59 -6.43
CA GLY B 34 6.32 -6.62 -7.39
C GLY B 34 4.93 -6.97 -7.89
N ASN B 35 4.59 -8.25 -7.90
CA ASN B 35 3.30 -8.72 -8.38
C ASN B 35 2.23 -8.75 -7.29
N VAL B 36 2.55 -8.35 -6.06
CA VAL B 36 1.56 -8.44 -4.99
C VAL B 36 1.30 -7.06 -4.38
N THR B 37 2.34 -6.22 -4.29
CA THR B 37 2.16 -4.91 -3.67
C THR B 37 1.25 -4.04 -4.53
N LYS B 38 0.39 -3.27 -3.86
CA LYS B 38 -0.49 -2.29 -4.52
C LYS B 38 -0.05 -0.92 -4.05
N PRO B 39 0.88 -0.27 -4.76
CA PRO B 39 1.46 0.97 -4.24
C PRO B 39 0.49 2.13 -4.25
N THR B 40 0.71 3.04 -3.32
CA THR B 40 0.06 4.35 -3.34
C THR B 40 1.03 5.35 -3.97
N VAL B 41 0.54 6.08 -4.97
CA VAL B 41 1.34 7.04 -5.72
C VAL B 41 0.73 8.42 -5.50
N ILE B 42 1.53 9.34 -4.96
CA ILE B 42 1.08 10.68 -4.65
C ILE B 42 1.81 11.64 -5.57
N ILE B 43 1.05 12.33 -6.42
CA ILE B 43 1.60 13.26 -7.40
C ILE B 43 1.18 14.67 -6.99
N SER B 44 2.15 15.58 -6.92
CA SER B 44 1.87 16.96 -6.52
C SER B 44 2.83 17.88 -7.27
N GLN B 45 2.64 19.18 -7.07
CA GLN B 45 3.49 20.20 -7.65
C GLN B 45 4.05 21.06 -6.53
N GLU B 46 5.36 21.18 -6.48
CA GLU B 46 6.07 22.11 -5.59
C GLU B 46 6.69 23.16 -6.50
N GLY B 47 6.08 24.33 -6.55
CA GLY B 47 6.42 25.24 -7.62
C GLY B 47 6.00 24.62 -8.93
N ASP B 48 6.94 24.57 -9.87
CA ASP B 48 6.69 23.90 -11.15
C ASP B 48 7.36 22.53 -11.25
N LYS B 49 8.19 22.15 -10.30
CA LYS B 49 8.66 20.76 -10.21
C LYS B 49 7.45 19.88 -10.02
N VAL B 50 7.53 18.67 -10.55
CA VAL B 50 6.52 17.65 -10.25
C VAL B 50 7.15 16.65 -9.30
N VAL B 51 6.40 16.30 -8.27
CA VAL B 51 6.85 15.36 -7.24
C VAL B 51 5.96 14.13 -7.31
N ILE B 52 6.60 12.96 -7.33
CA ILE B 52 5.91 11.68 -7.38
C ILE B 52 6.44 10.83 -6.24
N ARG B 53 5.61 10.60 -5.23
CA ARG B 53 5.95 9.75 -4.10
C ARG B 53 5.23 8.43 -4.23
N THR B 54 5.98 7.34 -4.10
CA THR B 54 5.44 5.97 -4.15
C THR B 54 5.59 5.33 -2.78
N LEU B 55 4.49 4.83 -2.24
CA LEU B 55 4.48 4.13 -0.97
C LEU B 55 4.16 2.65 -1.20
N SER B 56 5.03 1.78 -0.72
CA SER B 56 4.90 0.35 -0.98
C SER B 56 5.59 -0.43 0.12
N THR B 57 5.12 -1.66 0.33
CA THR B 57 5.77 -2.56 1.28
C THR B 57 7.16 -2.98 0.81
N PHE B 58 7.44 -2.86 -0.48
CA PHE B 58 8.77 -3.16 -0.99
C PHE B 58 9.71 -2.00 -0.71
N LYS B 59 9.50 -0.85 -1.37
CA LYS B 59 10.31 0.32 -1.06
C LYS B 59 9.46 1.55 -1.27
N ASN B 60 9.91 2.65 -0.66
CA ASN B 60 9.29 3.96 -0.77
C ASN B 60 10.21 4.87 -1.60
N THR B 61 9.73 5.31 -2.76
CA THR B 61 10.53 6.15 -3.64
C THR B 61 9.89 7.53 -3.75
N GLU B 62 10.74 8.53 -4.00
CA GLU B 62 10.30 9.90 -4.23
C GLU B 62 11.22 10.52 -5.27
N ILE B 63 10.63 11.12 -6.30
CA ILE B 63 11.39 11.83 -7.33
C ILE B 63 10.76 13.19 -7.58
N SER B 64 11.61 14.15 -7.93
CA SER B 64 11.21 15.49 -8.30
C SER B 64 11.92 15.85 -9.60
N PHE B 65 11.22 16.54 -10.48
CA PHE B 65 11.78 16.78 -11.81
C PHE B 65 11.08 17.99 -12.40
N GLN B 66 11.67 18.56 -13.43
CA GLN B 66 10.98 19.69 -14.01
C GLN B 66 10.64 19.23 -15.41
N LEU B 67 9.52 19.66 -15.96
CA LEU B 67 9.10 19.09 -17.23
C LEU B 67 10.15 19.37 -18.31
N GLY B 68 10.60 18.32 -19.00
CA GLY B 68 11.58 18.42 -20.05
C GLY B 68 13.03 18.43 -19.62
N GLU B 69 13.31 18.32 -18.31
CA GLU B 69 14.65 18.46 -17.76
C GLU B 69 15.17 17.11 -17.32
N GLU B 70 16.33 16.70 -17.84
CA GLU B 70 16.88 15.41 -17.48
C GLU B 70 17.35 15.40 -16.03
N PHE B 71 17.10 14.28 -15.34
CA PHE B 71 17.47 14.14 -13.95
C PHE B 71 17.90 12.71 -13.67
N ASP B 72 18.80 12.55 -12.71
CA ASP B 72 19.20 11.23 -12.26
C ASP B 72 18.06 10.57 -11.49
N GLU B 73 17.90 9.26 -11.69
CA GLU B 73 16.87 8.50 -11.00
C GLU B 73 17.39 7.11 -10.70
N THR B 74 17.45 6.76 -9.41
CA THR B 74 17.70 5.39 -8.97
C THR B 74 16.36 4.74 -8.72
N THR B 75 15.96 3.83 -9.60
CA THR B 75 14.63 3.23 -9.54
C THR B 75 14.54 2.22 -8.41
N ALA B 76 13.33 1.70 -8.20
CA ALA B 76 13.12 0.73 -7.12
C ALA B 76 13.85 -0.58 -7.38
N ASP B 77 14.07 -0.94 -8.65
CA ASP B 77 14.86 -2.12 -8.99
C ASP B 77 16.35 -1.81 -9.15
N ASP B 78 16.80 -0.68 -8.60
CA ASP B 78 18.22 -0.34 -8.57
C ASP B 78 18.80 -0.20 -9.97
N ARG B 79 18.06 0.48 -10.86
CA ARG B 79 18.61 0.93 -12.13
C ARG B 79 19.00 2.40 -11.99
N ASN B 80 20.27 2.70 -12.26
CA ASN B 80 20.74 4.08 -12.27
C ASN B 80 20.43 4.68 -13.64
N CYS B 81 19.47 5.60 -13.68
CA CYS B 81 18.88 6.07 -14.93
C CYS B 81 19.05 7.56 -15.10
N LYS B 82 19.16 7.97 -16.36
CA LYS B 82 18.95 9.36 -16.77
C LYS B 82 17.51 9.44 -17.24
N SER B 83 16.71 10.20 -16.51
CA SER B 83 15.28 10.24 -16.77
C SER B 83 14.85 11.63 -17.21
N VAL B 84 13.77 11.68 -17.99
CA VAL B 84 13.12 12.93 -18.35
C VAL B 84 11.62 12.67 -18.46
N VAL B 85 10.82 13.56 -17.87
CA VAL B 85 9.38 13.49 -17.94
C VAL B 85 8.90 14.74 -18.69
N SER B 86 7.99 14.54 -19.63
CA SER B 86 7.46 15.63 -20.43
C SER B 86 5.96 15.47 -20.59
N LEU B 87 5.33 16.52 -21.09
CA LEU B 87 3.91 16.50 -21.41
C LEU B 87 3.73 16.14 -22.88
N ASP B 88 2.99 15.07 -23.14
CA ASP B 88 2.57 14.70 -24.49
C ASP B 88 1.06 14.89 -24.54
N GLY B 89 0.64 16.09 -24.95
CA GLY B 89 -0.77 16.43 -24.91
C GLY B 89 -1.31 16.43 -23.50
N ASP B 90 -2.20 15.49 -23.20
CA ASP B 90 -2.77 15.36 -21.88
C ASP B 90 -2.08 14.29 -21.04
N LYS B 91 -1.03 13.68 -21.56
CA LYS B 91 -0.36 12.57 -20.90
C LYS B 91 1.04 12.97 -20.46
N LEU B 92 1.51 12.33 -19.39
CA LEU B 92 2.88 12.47 -18.94
C LEU B 92 3.69 11.30 -19.48
N VAL B 93 4.81 11.61 -20.11
CA VAL B 93 5.69 10.60 -20.67
C VAL B 93 6.98 10.59 -19.86
N HIS B 94 7.31 9.43 -19.30
CA HIS B 94 8.49 9.26 -18.47
C HIS B 94 9.45 8.31 -19.20
N ILE B 95 10.63 8.82 -19.57
CA ILE B 95 11.63 8.04 -20.28
C ILE B 95 12.81 7.79 -19.35
N GLN B 96 13.22 6.54 -19.23
CA GLN B 96 14.36 6.15 -18.40
C GLN B 96 15.43 5.50 -19.27
N LYS B 97 16.66 6.00 -19.17
CA LYS B 97 17.79 5.48 -19.92
C LYS B 97 18.83 4.93 -18.95
N TRP B 98 19.26 3.69 -19.19
CA TRP B 98 20.26 3.07 -18.34
C TRP B 98 21.04 2.02 -19.13
N ASP B 99 22.36 2.04 -18.97
CA ASP B 99 23.25 1.03 -19.55
C ASP B 99 23.01 0.85 -21.06
N GLY B 100 22.74 1.97 -21.74
CA GLY B 100 22.51 1.95 -23.16
C GLY B 100 21.13 1.50 -23.59
N LYS B 101 20.20 1.34 -22.64
CA LYS B 101 18.85 0.87 -22.94
C LYS B 101 17.84 1.95 -22.57
N GLU B 102 16.58 1.69 -22.92
CA GLU B 102 15.54 2.68 -22.72
C GLU B 102 14.21 2.00 -22.49
N THR B 103 13.49 2.46 -21.47
CA THR B 103 12.09 2.12 -21.27
C THR B 103 11.34 3.42 -21.01
N ASN B 104 10.01 3.38 -21.19
CA ASN B 104 9.21 4.57 -20.96
C ASN B 104 7.90 4.19 -20.29
N PHE B 105 7.32 5.16 -19.58
CA PHE B 105 6.04 5.03 -18.91
C PHE B 105 5.18 6.18 -19.40
N VAL B 106 3.95 5.89 -19.82
CA VAL B 106 3.00 6.94 -20.18
C VAL B 106 1.85 6.91 -19.19
N ARG B 107 1.68 8.01 -18.45
CA ARG B 107 0.60 8.17 -17.50
C ARG B 107 -0.55 8.92 -18.16
N GLU B 108 -1.77 8.43 -17.95
CA GLU B 108 -2.97 9.04 -18.51
C GLU B 108 -4.06 9.10 -17.45
N ILE B 109 -5.00 10.03 -17.65
CA ILE B 109 -6.26 10.05 -16.91
C ILE B 109 -7.35 9.60 -17.86
N LYS B 110 -7.96 8.45 -17.57
CA LYS B 110 -8.96 7.83 -18.43
C LYS B 110 -10.13 7.39 -17.57
N ASP B 111 -11.31 7.93 -17.84
CA ASP B 111 -12.53 7.66 -17.06
C ASP B 111 -12.29 7.86 -15.56
N GLY B 112 -11.53 8.89 -15.22
CA GLY B 112 -11.28 9.22 -13.84
C GLY B 112 -10.23 8.39 -13.14
N LYS B 113 -9.71 7.37 -13.81
CA LYS B 113 -8.61 6.57 -13.28
C LYS B 113 -7.31 7.02 -13.91
N MET B 114 -6.20 6.72 -13.24
CA MET B 114 -4.87 6.91 -13.81
C MET B 114 -4.44 5.60 -14.46
N VAL B 115 -4.10 5.65 -15.74
CA VAL B 115 -3.65 4.49 -16.49
C VAL B 115 -2.20 4.71 -16.89
N MET B 116 -1.33 3.78 -16.50
N MET B 116 -1.35 3.76 -16.51
CA MET B 116 0.08 3.87 -16.82
CA MET B 116 0.08 3.81 -16.78
C MET B 116 0.45 2.69 -17.70
C MET B 116 0.44 2.66 -17.72
N THR B 117 1.00 2.98 -18.88
CA THR B 117 1.42 1.97 -19.84
C THR B 117 2.94 1.92 -19.83
N LEU B 118 3.48 0.73 -19.55
CA LEU B 118 4.91 0.52 -19.40
C LEU B 118 5.40 -0.27 -20.61
N THR B 119 6.39 0.26 -21.32
CA THR B 119 6.87 -0.37 -22.55
C THR B 119 8.38 -0.48 -22.52
N PHE B 120 8.89 -1.70 -22.66
CA PHE B 120 10.29 -1.95 -22.95
C PHE B 120 10.34 -2.82 -24.20
N GLY B 121 10.66 -2.22 -25.34
CA GLY B 121 10.72 -2.96 -26.59
C GLY B 121 9.37 -3.55 -26.94
N ASP B 122 9.34 -4.87 -27.08
CA ASP B 122 8.12 -5.60 -27.44
C ASP B 122 7.36 -6.12 -26.23
N VAL B 123 7.58 -5.55 -25.04
CA VAL B 123 6.91 -5.98 -23.82
C VAL B 123 6.18 -4.79 -23.22
N VAL B 124 4.87 -4.93 -23.05
CA VAL B 124 4.01 -3.85 -22.58
C VAL B 124 3.26 -4.30 -21.34
N ALA B 125 3.27 -3.45 -20.31
CA ALA B 125 2.43 -3.61 -19.13
C ALA B 125 1.55 -2.38 -18.98
N VAL B 126 0.35 -2.60 -18.44
CA VAL B 126 -0.60 -1.53 -18.19
C VAL B 126 -1.04 -1.61 -16.73
N ARG B 127 -0.95 -0.49 -16.01
CA ARG B 127 -1.32 -0.44 -14.60
C ARG B 127 -2.41 0.61 -14.39
N HIS B 128 -3.35 0.30 -13.49
CA HIS B 128 -4.56 1.08 -13.30
C HIS B 128 -4.66 1.56 -11.86
N TYR B 129 -4.90 2.86 -11.68
CA TYR B 129 -4.97 3.49 -10.37
C TYR B 129 -6.27 4.25 -10.22
N GLU B 130 -6.93 4.06 -9.08
CA GLU B 130 -8.11 4.83 -8.71
C GLU B 130 -7.72 5.92 -7.70
N LYS B 131 -8.39 7.06 -7.78
CA LYS B 131 -8.06 8.14 -6.85
C LYS B 131 -8.59 7.83 -5.45
N ALA B 132 -7.72 7.95 -4.47
CA ALA B 132 -8.03 7.61 -3.10
C ALA B 132 -8.46 8.85 -2.34
#